data_1IQM
#
_entry.id   1IQM
#
_cell.length_a   72.180
_cell.length_b   78.120
_cell.length_c   56.890
_cell.angle_alpha   90.00
_cell.angle_beta   90.00
_cell.angle_gamma   90.00
#
_symmetry.space_group_name_H-M   'P 21 21 21'
#
loop_
_entity.id
_entity.type
_entity.pdbx_description
1 polymer 'coagulation Factor Xa'
2 polymer 'coagulation Factor Xa'
3 non-polymer 'CALCIUM ION'
4 non-polymer 1-[[(1E)-2-(4-CHLOROPHENYL)ETHENYL]SULFONYL]-4-[[1-(4-PYRIDINYL)-4-PIPERIDINYL]METHYL]PIPERAZINE
5 water water
#
loop_
_entity_poly.entity_id
_entity_poly.type
_entity_poly.pdbx_seq_one_letter_code
_entity_poly.pdbx_strand_id
1 'polypeptide(L)'
;IVGGQECKDGECPWQALLINEENEGFCGGTILSEFYILTAAHCLYQAKRFKVRVGDRNTEQEEGGEAVHEVEVVIKHNRF
TKETYDFDIAVLRLKTPITFRMNVAPACLPERDWAESTLMTQKTGIVSGFGRTHEKGRQSTRLKMLEVPYVDRNSCKLSS
SFIITQNMFCAGYDTKQEDACQGDSGGPHVTRFKDTYFVTGIVSWGEGCARKGKYGIYTKVTAFLKWIDRSMKTR
;
A
2 'polypeptide(L)'
;YKDGDQCETSPCQNQGKCKDGLGEYTCTCLEGFEGKNCELFTRKLCSLDNGDCDQFCHEEQNSVVCSCARGYTLADNGKA
CIPTGPYPCGKQTLER
;
L
#
loop_
_chem_comp.id
_chem_comp.type
_chem_comp.name
_chem_comp.formula
CA non-polymer 'CALCIUM ION' 'Ca 2'
XMK non-polymer 1-[[(1E)-2-(4-CHLOROPHENYL)ETHENYL]SULFONYL]-4-[[1-(4-PYRIDINYL)-4-PIPERIDINYL]METHYL]PIPERAZINE 'C23 H29 Cl N4 O2 S'
#
# COMPACT_ATOMS: atom_id res chain seq x y z
N ILE A 1 -9.20 7.75 -8.01
CA ILE A 1 -7.92 8.46 -8.23
C ILE A 1 -8.14 9.68 -9.13
N VAL A 2 -8.31 10.84 -8.51
CA VAL A 2 -8.51 12.09 -9.25
C VAL A 2 -7.13 12.51 -9.72
N GLY A 3 -7.03 12.95 -10.97
CA GLY A 3 -5.74 13.34 -11.52
C GLY A 3 -4.83 12.13 -11.58
N GLY A 4 -3.54 12.35 -11.81
CA GLY A 4 -2.61 11.23 -11.85
C GLY A 4 -2.57 10.46 -13.16
N GLN A 5 -1.61 9.56 -13.30
CA GLN A 5 -1.47 8.78 -14.52
C GLN A 5 -2.07 7.38 -14.42
N GLU A 6 -2.04 6.68 -15.54
CA GLU A 6 -2.56 5.32 -15.66
C GLU A 6 -1.43 4.35 -15.32
N CYS A 7 -1.76 3.23 -14.68
CA CYS A 7 -0.74 2.23 -14.35
C CYS A 7 -0.41 1.45 -15.61
N LYS A 8 0.76 1.69 -16.18
CA LYS A 8 1.14 0.99 -17.39
C LYS A 8 1.52 -0.44 -17.06
N ASP A 9 1.75 -1.25 -18.09
CA ASP A 9 2.09 -2.66 -17.92
C ASP A 9 3.15 -2.91 -16.86
N GLY A 10 2.77 -3.64 -15.82
CA GLY A 10 3.70 -3.98 -14.77
C GLY A 10 4.08 -2.93 -13.75
N GLU A 11 3.63 -1.71 -13.92
CA GLU A 11 3.96 -0.64 -12.97
C GLU A 11 3.33 -0.81 -11.58
N CYS A 12 2.10 -1.28 -11.51
CA CYS A 12 1.42 -1.43 -10.22
C CYS A 12 0.98 -2.88 -10.01
N PRO A 13 1.92 -3.83 -10.05
CA PRO A 13 1.68 -5.26 -9.88
C PRO A 13 1.16 -5.77 -8.54
N TRP A 14 1.35 -4.98 -7.49
CA TRP A 14 0.92 -5.36 -6.13
C TRP A 14 -0.48 -4.87 -5.82
N GLN A 15 -1.12 -4.26 -6.81
CA GLN A 15 -2.48 -3.75 -6.66
C GLN A 15 -3.47 -4.90 -6.58
N ALA A 16 -4.54 -4.72 -5.83
CA ALA A 16 -5.54 -5.74 -5.69
C ALA A 16 -6.90 -5.05 -5.70
N LEU A 17 -7.95 -5.83 -5.98
CA LEU A 17 -9.30 -5.29 -6.04
C LEU A 17 -10.28 -6.20 -5.31
N LEU A 18 -11.13 -5.61 -4.48
CA LEU A 18 -12.12 -6.37 -3.74
C LEU A 18 -13.40 -6.24 -4.54
N ILE A 19 -13.94 -7.36 -4.98
CA ILE A 19 -15.15 -7.38 -5.78
C ILE A 19 -16.29 -8.00 -5.00
N ASN A 20 -17.49 -7.49 -5.22
CA ASN A 20 -18.68 -8.03 -4.54
C ASN A 20 -19.42 -9.03 -5.41
N GLU A 21 -20.64 -9.36 -5.01
CA GLU A 21 -21.49 -10.29 -5.75
C GLU A 21 -21.63 -9.77 -7.18
N GLU A 22 -22.02 -8.51 -7.31
CA GLU A 22 -22.19 -7.90 -8.63
C GLU A 22 -20.88 -7.99 -9.41
N ASN A 23 -19.81 -8.40 -8.74
CA ASN A 23 -18.50 -8.52 -9.36
C ASN A 23 -17.93 -7.14 -9.69
N GLU A 24 -18.30 -6.15 -8.89
CA GLU A 24 -17.83 -4.78 -9.08
C GLU A 24 -16.85 -4.41 -7.96
N GLY A 25 -15.76 -3.74 -8.33
CA GLY A 25 -14.77 -3.35 -7.34
C GLY A 25 -15.31 -2.30 -6.38
N PHE A 26 -15.17 -2.54 -5.08
CA PHE A 26 -15.64 -1.58 -4.10
C PHE A 26 -14.48 -1.05 -3.28
N CYS A 27 -13.38 -1.79 -3.25
CA CYS A 27 -12.20 -1.37 -2.50
C CYS A 27 -10.90 -1.92 -3.07
N GLY A 28 -9.79 -1.43 -2.53
CA GLY A 28 -8.48 -1.87 -2.97
C GLY A 28 -7.80 -2.69 -1.90
N GLY A 29 -6.63 -3.21 -2.26
CA GLY A 29 -5.84 -4.01 -1.35
C GLY A 29 -4.41 -4.03 -1.85
N THR A 30 -3.49 -4.56 -1.07
CA THR A 30 -2.10 -4.65 -1.50
C THR A 30 -1.67 -6.09 -1.33
N ILE A 31 -1.00 -6.65 -2.34
CA ILE A 31 -0.55 -8.02 -2.24
C ILE A 31 0.72 -8.05 -1.40
N LEU A 32 0.68 -8.75 -0.27
CA LEU A 32 1.86 -8.83 0.60
C LEU A 32 2.71 -10.04 0.28
N SER A 33 2.02 -11.12 -0.10
CA SER A 33 2.66 -12.40 -0.41
C SER A 33 1.62 -13.25 -1.14
N GLU A 34 2.01 -14.46 -1.53
CA GLU A 34 1.11 -15.34 -2.27
C GLU A 34 -0.20 -15.69 -1.57
N PHE A 35 -0.25 -15.56 -0.25
CA PHE A 35 -1.48 -15.88 0.48
C PHE A 35 -2.19 -14.73 1.18
N TYR A 36 -1.53 -13.59 1.33
CA TYR A 36 -2.13 -12.46 2.05
C TYR A 36 -2.37 -11.12 1.34
N ILE A 37 -3.53 -10.54 1.62
CA ILE A 37 -3.84 -9.24 1.06
C ILE A 37 -4.06 -8.23 2.18
N LEU A 38 -3.50 -7.02 1.99
CA LEU A 38 -3.61 -5.94 2.96
C LEU A 38 -4.71 -4.97 2.54
N THR A 39 -5.59 -4.64 3.47
CA THR A 39 -6.68 -3.71 3.15
C THR A 39 -7.12 -2.92 4.39
N ALA A 40 -8.14 -2.08 4.21
CA ALA A 40 -8.66 -1.30 5.32
C ALA A 40 -9.79 -2.06 6.00
N ALA A 41 -9.88 -1.93 7.32
CA ALA A 41 -10.94 -2.60 8.06
C ALA A 41 -12.32 -2.11 7.64
N HIS A 42 -12.50 -0.80 7.48
CA HIS A 42 -13.81 -0.29 7.11
C HIS A 42 -14.34 -0.79 5.75
N CYS A 43 -13.48 -1.41 4.94
CA CYS A 43 -13.91 -1.93 3.64
C CYS A 43 -14.65 -3.26 3.84
N LEU A 44 -14.38 -3.92 4.95
CA LEU A 44 -15.02 -5.18 5.24
C LEU A 44 -16.51 -5.00 5.48
N TYR A 45 -16.93 -3.76 5.72
CA TYR A 45 -18.33 -3.45 5.95
C TYR A 45 -19.12 -3.15 4.67
N GLN A 46 -18.45 -2.52 3.70
CA GLN A 46 -19.07 -2.14 2.45
C GLN A 46 -19.45 -3.25 1.49
N ALA A 47 -19.42 -4.49 1.94
CA ALA A 47 -19.78 -5.61 1.07
C ALA A 47 -20.23 -6.85 1.83
N LYS A 48 -21.24 -7.50 1.28
CA LYS A 48 -21.81 -8.73 1.84
C LYS A 48 -20.70 -9.77 1.87
N ARG A 49 -20.49 -10.41 0.72
CA ARG A 49 -19.46 -11.44 0.55
C ARG A 49 -18.61 -10.92 -0.62
N PHE A 50 -17.30 -11.13 -0.57
CA PHE A 50 -16.44 -10.64 -1.64
C PHE A 50 -15.23 -11.53 -1.91
N LYS A 51 -14.57 -11.27 -3.03
CA LYS A 51 -13.37 -12.01 -3.43
C LYS A 51 -12.36 -10.95 -3.89
N VAL A 52 -11.11 -11.32 -4.09
CA VAL A 52 -10.12 -10.34 -4.54
C VAL A 52 -9.59 -10.66 -5.94
N ARG A 53 -9.27 -9.61 -6.69
CA ARG A 53 -8.76 -9.79 -8.04
C ARG A 53 -7.37 -9.16 -8.22
N VAL A 54 -6.44 -9.93 -8.79
CA VAL A 54 -5.09 -9.42 -9.04
C VAL A 54 -4.84 -9.38 -10.56
N GLY A 55 -3.70 -8.81 -10.93
CA GLY A 55 -3.34 -8.71 -12.34
C GLY A 55 -4.41 -8.11 -13.24
N ASP A 56 -5.16 -7.16 -12.72
CA ASP A 56 -6.20 -6.52 -13.52
C ASP A 56 -5.95 -5.02 -13.63
N ARG A 57 -5.77 -4.53 -14.86
CA ARG A 57 -5.52 -3.11 -15.11
C ARG A 57 -6.65 -2.39 -15.84
N ASN A 58 -7.57 -3.15 -16.44
CA ASN A 58 -8.70 -2.59 -17.18
C ASN A 58 -9.96 -3.42 -16.90
N THR A 59 -10.85 -2.90 -16.07
CA THR A 59 -12.07 -3.64 -15.70
C THR A 59 -12.98 -4.04 -16.86
N GLU A 60 -12.61 -3.70 -18.08
CA GLU A 60 -13.44 -4.03 -19.24
C GLU A 60 -12.93 -5.16 -20.12
N GLN A 61 -11.71 -4.99 -20.67
CA GLN A 61 -11.14 -6.01 -21.54
C GLN A 61 -10.35 -7.08 -20.79
N GLU A 62 -10.94 -8.27 -20.68
CA GLU A 62 -10.32 -9.40 -20.00
C GLU A 62 -8.85 -9.56 -20.36
N GLU A 63 -7.99 -9.57 -19.33
CA GLU A 63 -6.55 -9.73 -19.51
C GLU A 63 -6.15 -11.09 -18.93
N GLY A 64 -5.51 -11.91 -19.75
CA GLY A 64 -5.11 -13.24 -19.32
C GLY A 64 -4.28 -13.31 -18.05
N GLY A 65 -3.75 -12.18 -17.59
CA GLY A 65 -2.96 -12.20 -16.38
C GLY A 65 -3.78 -12.17 -15.10
N GLU A 66 -5.09 -12.06 -15.25
CA GLU A 66 -5.98 -12.01 -14.11
C GLU A 66 -6.26 -13.34 -13.42
N ALA A 67 -6.76 -13.23 -12.20
CA ALA A 67 -7.09 -14.39 -11.40
C ALA A 67 -8.03 -13.93 -10.29
N VAL A 68 -8.92 -14.82 -9.85
CA VAL A 68 -9.85 -14.47 -8.79
C VAL A 68 -9.54 -15.42 -7.65
N HIS A 69 -9.47 -14.88 -6.44
CA HIS A 69 -9.18 -15.69 -5.27
C HIS A 69 -10.28 -15.50 -4.25
N GLU A 70 -10.57 -16.55 -3.50
CA GLU A 70 -11.59 -16.45 -2.46
C GLU A 70 -10.85 -16.21 -1.16
N VAL A 71 -11.55 -15.64 -0.19
CA VAL A 71 -10.97 -15.37 1.11
C VAL A 71 -11.24 -16.52 2.06
N GLU A 72 -10.21 -16.95 2.76
CA GLU A 72 -10.28 -18.06 3.71
C GLU A 72 -10.72 -17.51 5.06
N VAL A 73 -10.05 -16.44 5.49
CA VAL A 73 -10.35 -15.77 6.76
C VAL A 73 -9.92 -14.32 6.70
N VAL A 74 -10.73 -13.43 7.23
CA VAL A 74 -10.37 -12.02 7.25
C VAL A 74 -9.92 -11.69 8.67
N ILE A 75 -8.73 -11.12 8.80
CA ILE A 75 -8.28 -10.72 10.12
C ILE A 75 -8.52 -9.22 10.19
N LYS A 76 -9.57 -8.82 10.90
CA LYS A 76 -9.89 -7.42 11.03
C LYS A 76 -9.48 -6.98 12.42
N HIS A 77 -8.82 -5.83 12.50
CA HIS A 77 -8.36 -5.30 13.78
C HIS A 77 -9.56 -5.01 14.67
N ASN A 78 -9.49 -5.49 15.91
CA ASN A 78 -10.57 -5.28 16.88
C ASN A 78 -10.76 -3.80 17.24
N ARG A 79 -9.65 -3.13 17.53
CA ARG A 79 -9.66 -1.72 17.93
C ARG A 79 -10.28 -0.77 16.91
N PHE A 80 -10.51 -1.26 15.70
CA PHE A 80 -11.12 -0.42 14.65
C PHE A 80 -12.54 -0.02 15.00
N THR A 81 -12.91 1.20 14.61
CA THR A 81 -14.25 1.72 14.84
C THR A 81 -14.53 2.81 13.82
N LYS A 82 -15.75 2.81 13.30
CA LYS A 82 -16.15 3.77 12.30
C LYS A 82 -16.17 5.22 12.78
N GLU A 83 -16.40 5.42 14.08
CA GLU A 83 -16.46 6.78 14.62
C GLU A 83 -15.14 7.52 14.47
N THR A 84 -14.02 6.82 14.70
CA THR A 84 -12.71 7.45 14.60
C THR A 84 -11.88 7.01 13.39
N TYR A 85 -12.25 5.87 12.80
CA TYR A 85 -11.49 5.35 11.66
C TYR A 85 -10.06 5.04 12.08
N ASP A 86 -9.87 4.84 13.38
CA ASP A 86 -8.56 4.53 13.91
C ASP A 86 -8.38 3.02 13.78
N PHE A 87 -7.17 2.59 13.44
CA PHE A 87 -6.89 1.16 13.26
C PHE A 87 -7.63 0.71 12.01
N ASP A 88 -7.60 1.55 10.98
CA ASP A 88 -8.28 1.23 9.73
C ASP A 88 -7.30 0.34 8.97
N ILE A 89 -7.32 -0.95 9.32
CA ILE A 89 -6.44 -1.94 8.71
C ILE A 89 -6.99 -3.36 8.87
N ALA A 90 -6.62 -4.24 7.94
CA ALA A 90 -7.03 -5.64 7.97
C ALA A 90 -6.18 -6.47 7.00
N VAL A 91 -5.99 -7.74 7.33
CA VAL A 91 -5.22 -8.65 6.49
C VAL A 91 -6.10 -9.79 6.04
N LEU A 92 -5.98 -10.17 4.76
CA LEU A 92 -6.79 -11.26 4.21
C LEU A 92 -5.96 -12.51 3.86
N ARG A 93 -6.40 -13.66 4.37
CA ARG A 93 -5.75 -14.94 4.10
C ARG A 93 -6.54 -15.58 2.95
N LEU A 94 -5.88 -15.74 1.81
CA LEU A 94 -6.52 -16.32 0.62
C LEU A 94 -6.58 -17.85 0.68
N LYS A 95 -7.62 -18.43 0.09
CA LYS A 95 -7.75 -19.90 0.07
C LYS A 95 -6.70 -20.57 -0.83
N THR A 96 -6.50 -20.00 -2.02
CA THR A 96 -5.51 -20.52 -2.95
C THR A 96 -4.44 -19.45 -3.11
N PRO A 97 -3.18 -19.86 -3.36
CA PRO A 97 -2.06 -18.92 -3.52
C PRO A 97 -2.06 -18.14 -4.83
N ILE A 98 -1.49 -16.94 -4.77
CA ILE A 98 -1.38 -16.04 -5.93
C ILE A 98 -0.18 -16.39 -6.77
N THR A 99 -0.43 -16.62 -8.05
CA THR A 99 0.61 -16.96 -9.02
C THR A 99 1.27 -15.68 -9.50
N PHE A 100 2.42 -15.35 -8.94
CA PHE A 100 3.13 -14.15 -9.34
C PHE A 100 3.53 -14.26 -10.80
N ARG A 101 3.06 -13.30 -11.59
CA ARG A 101 3.36 -13.23 -13.02
C ARG A 101 3.39 -11.74 -13.31
N MET A 102 3.47 -11.35 -14.57
CA MET A 102 3.49 -9.93 -14.87
C MET A 102 2.19 -9.28 -14.42
N ASN A 103 2.31 -8.14 -13.74
CA ASN A 103 1.17 -7.39 -13.21
C ASN A 103 0.62 -8.06 -11.96
N VAL A 104 1.36 -9.02 -11.43
CA VAL A 104 0.94 -9.73 -10.24
C VAL A 104 2.21 -10.07 -9.46
N ALA A 105 2.47 -9.32 -8.40
CA ALA A 105 3.66 -9.51 -7.56
C ALA A 105 3.42 -8.82 -6.22
N PRO A 106 4.08 -9.29 -5.16
CA PRO A 106 3.94 -8.71 -3.82
C PRO A 106 4.76 -7.45 -3.58
N ALA A 107 4.31 -6.63 -2.62
CA ALA A 107 5.02 -5.40 -2.26
C ALA A 107 5.79 -5.70 -0.98
N CYS A 108 7.01 -5.17 -0.86
CA CYS A 108 7.82 -5.45 0.32
C CYS A 108 7.33 -4.80 1.61
N LEU A 109 7.42 -5.53 2.71
CA LEU A 109 7.06 -5.01 4.03
C LEU A 109 8.42 -4.55 4.58
N PRO A 110 8.52 -3.30 5.02
CA PRO A 110 9.79 -2.77 5.55
C PRO A 110 9.95 -2.95 7.05
N GLU A 111 11.15 -2.63 7.55
CA GLU A 111 11.44 -2.71 8.98
C GLU A 111 10.88 -1.39 9.50
N ARG A 112 10.27 -1.40 10.68
CA ARG A 112 9.67 -0.18 11.25
C ARG A 112 10.59 1.04 11.38
N ASP A 113 11.74 0.88 12.03
CA ASP A 113 12.66 2.01 12.20
C ASP A 113 13.16 2.57 10.89
N TRP A 114 13.68 1.70 10.02
CA TRP A 114 14.21 2.12 8.73
C TRP A 114 13.17 2.93 7.96
N ALA A 115 11.96 2.39 7.89
CA ALA A 115 10.87 3.02 7.16
C ALA A 115 10.55 4.45 7.63
N GLU A 116 10.28 4.61 8.92
CA GLU A 116 9.95 5.91 9.46
C GLU A 116 11.00 6.97 9.20
N SER A 117 12.27 6.57 9.20
CA SER A 117 13.37 7.51 8.98
C SER A 117 13.86 7.66 7.55
N THR A 118 13.65 6.64 6.72
CA THR A 118 14.11 6.71 5.33
C THR A 118 12.96 6.72 4.33
N LEU A 119 11.96 5.89 4.58
CA LEU A 119 10.83 5.79 3.68
C LEU A 119 9.88 6.99 3.78
N MET A 120 9.32 7.20 4.96
CA MET A 120 8.38 8.32 5.14
C MET A 120 9.02 9.72 5.19
N THR A 121 10.34 9.80 5.09
CA THR A 121 11.00 11.10 5.09
C THR A 121 11.35 11.48 3.66
N GLN A 122 10.96 10.61 2.73
CA GLN A 122 11.18 10.84 1.31
C GLN A 122 10.14 11.90 0.98
N LYS A 123 10.26 12.55 -0.18
CA LYS A 123 9.29 13.57 -0.57
C LYS A 123 7.94 12.99 -0.93
N THR A 124 7.93 11.94 -1.74
CA THR A 124 6.67 11.38 -2.20
C THR A 124 6.43 9.89 -1.95
N GLY A 125 5.21 9.46 -2.27
CA GLY A 125 4.78 8.08 -2.16
C GLY A 125 3.83 7.85 -3.35
N ILE A 126 3.48 6.60 -3.62
CA ILE A 126 2.59 6.32 -4.75
C ILE A 126 1.31 5.68 -4.26
N VAL A 127 0.18 6.19 -4.72
CA VAL A 127 -1.11 5.62 -4.36
C VAL A 127 -1.82 5.26 -5.66
N SER A 128 -2.59 4.18 -5.63
CA SER A 128 -3.31 3.70 -6.81
C SER A 128 -4.62 3.01 -6.47
N GLY A 129 -5.47 2.85 -7.48
CA GLY A 129 -6.76 2.20 -7.29
C GLY A 129 -7.67 2.41 -8.48
N PHE A 130 -8.79 1.68 -8.49
CA PHE A 130 -9.79 1.76 -9.55
C PHE A 130 -10.93 2.71 -9.17
N GLY A 131 -10.71 3.49 -8.11
CA GLY A 131 -11.74 4.41 -7.63
C GLY A 131 -12.09 5.58 -8.52
N ARG A 132 -13.08 6.36 -8.11
CA ARG A 132 -13.56 7.51 -8.87
C ARG A 132 -12.46 8.48 -9.26
N THR A 133 -12.56 8.97 -10.48
CA THR A 133 -11.58 9.93 -10.99
C THR A 133 -12.11 11.32 -10.76
N HIS A 134 -13.21 11.37 -10.02
CA HIS A 134 -13.84 12.63 -9.70
C HIS A 134 -14.71 12.42 -8.48
N GLU A 135 -14.87 13.47 -7.68
CA GLU A 135 -15.68 13.38 -6.47
C GLU A 135 -17.11 12.94 -6.76
N LYS A 136 -17.62 13.22 -7.94
CA LYS A 136 -18.99 12.81 -8.25
C LYS A 136 -19.12 11.77 -9.36
N GLY A 137 -18.10 11.63 -10.20
CA GLY A 137 -18.16 10.65 -11.26
C GLY A 137 -18.35 9.21 -10.77
N ARG A 138 -18.05 8.26 -11.64
CA ARG A 138 -18.18 6.84 -11.31
C ARG A 138 -16.82 6.17 -11.16
N GLN A 139 -16.86 4.95 -10.65
CA GLN A 139 -15.68 4.13 -10.42
C GLN A 139 -14.89 4.07 -11.70
N SER A 140 -13.57 4.19 -11.60
CA SER A 140 -12.73 4.15 -12.80
C SER A 140 -12.65 2.76 -13.42
N THR A 141 -12.47 2.71 -14.74
CA THR A 141 -12.36 1.45 -15.45
C THR A 141 -10.89 1.06 -15.53
N ARG A 142 -10.02 2.07 -15.53
CA ARG A 142 -8.59 1.85 -15.61
C ARG A 142 -7.93 2.02 -14.25
N LEU A 143 -6.90 1.22 -13.98
CA LEU A 143 -6.17 1.30 -12.73
C LEU A 143 -5.24 2.52 -12.82
N LYS A 144 -5.42 3.47 -11.91
CA LYS A 144 -4.59 4.67 -11.91
C LYS A 144 -3.50 4.66 -10.82
N MET A 145 -2.55 5.60 -10.94
CA MET A 145 -1.48 5.73 -9.96
C MET A 145 -1.25 7.24 -9.77
N LEU A 146 -0.94 7.64 -8.55
CA LEU A 146 -0.74 9.06 -8.26
C LEU A 146 0.44 9.32 -7.32
N GLU A 147 1.37 10.18 -7.74
CA GLU A 147 2.50 10.51 -6.88
C GLU A 147 1.96 11.51 -5.87
N VAL A 148 1.99 11.17 -4.59
CA VAL A 148 1.49 12.06 -3.55
C VAL A 148 2.54 12.44 -2.52
N PRO A 149 2.92 13.73 -2.48
CA PRO A 149 3.93 14.16 -1.51
C PRO A 149 3.47 13.94 -0.08
N TYR A 150 4.42 13.62 0.79
CA TYR A 150 4.12 13.41 2.20
C TYR A 150 3.72 14.76 2.75
N VAL A 151 2.86 14.76 3.76
CA VAL A 151 2.43 16.01 4.35
C VAL A 151 2.91 16.18 5.77
N ASP A 152 3.56 17.31 6.02
CA ASP A 152 4.08 17.66 7.34
C ASP A 152 3.00 17.27 8.34
N ARG A 153 3.35 16.42 9.29
CA ARG A 153 2.38 15.95 10.27
C ARG A 153 1.54 17.02 10.94
N ASN A 154 2.07 18.24 11.02
CA ASN A 154 1.36 19.35 11.64
C ASN A 154 0.26 19.92 10.73
N SER A 155 0.66 20.32 9.53
CA SER A 155 -0.29 20.86 8.57
C SER A 155 -1.48 19.90 8.52
N CYS A 156 -1.18 18.60 8.53
CA CYS A 156 -2.18 17.54 8.48
C CYS A 156 -3.25 17.76 9.52
N LYS A 157 -2.83 17.83 10.78
CA LYS A 157 -3.75 18.04 11.90
C LYS A 157 -4.56 19.34 11.76
N LEU A 158 -3.87 20.45 11.48
CA LEU A 158 -4.56 21.74 11.32
C LEU A 158 -5.64 21.69 10.23
N SER A 159 -5.24 21.30 9.02
CA SER A 159 -6.18 21.22 7.90
C SER A 159 -7.34 20.27 8.14
N SER A 160 -7.08 19.16 8.81
CA SER A 160 -8.09 18.15 9.09
C SER A 160 -9.20 18.59 10.05
N SER A 161 -10.41 18.11 9.79
CA SER A 161 -11.57 18.45 10.62
C SER A 161 -11.79 17.38 11.68
N PHE A 162 -10.91 16.38 11.68
CA PHE A 162 -11.04 15.29 12.64
C PHE A 162 -9.72 14.94 13.26
N ILE A 163 -9.78 14.17 14.35
CA ILE A 163 -8.56 13.77 15.06
C ILE A 163 -7.66 12.88 14.23
N ILE A 164 -6.55 13.42 13.76
CA ILE A 164 -5.59 12.63 13.01
C ILE A 164 -4.80 11.83 14.06
N THR A 165 -5.17 10.57 14.25
CA THR A 165 -4.50 9.72 15.24
C THR A 165 -3.08 9.35 14.83
N GLN A 166 -2.33 8.78 15.77
CA GLN A 166 -0.96 8.37 15.52
C GLN A 166 -0.89 7.18 14.57
N ASN A 167 -2.06 6.61 14.25
CA ASN A 167 -2.16 5.47 13.33
C ASN A 167 -2.57 5.95 11.95
N MET A 168 -2.33 7.23 11.67
CA MET A 168 -2.70 7.79 10.38
C MET A 168 -1.64 8.81 10.01
N PHE A 169 -1.67 9.24 8.75
CA PHE A 169 -0.75 10.25 8.27
C PHE A 169 -1.37 10.85 7.03
N CYS A 170 -0.92 12.05 6.66
CA CYS A 170 -1.48 12.72 5.48
C CYS A 170 -0.58 12.68 4.26
N ALA A 171 -1.21 12.70 3.10
CA ALA A 171 -0.51 12.70 1.83
C ALA A 171 -1.45 13.27 0.80
N GLY A 172 -0.89 14.07 -0.10
CA GLY A 172 -1.69 14.68 -1.15
C GLY A 172 -1.22 16.09 -1.46
N TYR A 173 -2.16 16.94 -1.86
CA TYR A 173 -1.85 18.32 -2.19
C TYR A 173 -2.85 19.23 -1.52
N ASP A 174 -2.46 20.48 -1.30
CA ASP A 174 -3.36 21.43 -0.68
C ASP A 174 -4.31 21.94 -1.75
N THR A 175 -3.77 22.41 -2.86
CA THR A 175 -4.60 22.93 -3.92
C THR A 175 -4.76 22.01 -5.13
N LYS A 176 -3.64 21.54 -5.70
CA LYS A 176 -3.70 20.66 -6.86
C LYS A 176 -4.83 19.66 -6.76
N GLN A 177 -5.49 19.41 -7.89
CA GLN A 177 -6.60 18.48 -7.94
C GLN A 177 -6.13 17.05 -8.18
N GLU A 178 -5.55 16.47 -7.15
CA GLU A 178 -5.05 15.11 -7.19
C GLU A 178 -5.13 14.55 -5.79
N ASP A 179 -5.65 13.33 -5.70
CA ASP A 179 -5.82 12.64 -4.44
C ASP A 179 -6.65 11.41 -4.74
N ALA A 180 -6.74 10.48 -3.79
CA ALA A 180 -7.53 9.28 -3.98
C ALA A 180 -8.98 9.72 -3.94
N CYS A 181 -9.90 8.76 -4.00
CA CYS A 181 -11.33 9.08 -3.95
C CYS A 181 -12.08 7.81 -3.59
N GLN A 182 -13.41 7.79 -3.72
CA GLN A 182 -14.13 6.57 -3.33
C GLN A 182 -13.76 5.33 -4.13
N GLY A 183 -13.77 4.19 -3.46
CA GLY A 183 -13.42 2.93 -4.12
C GLY A 183 -11.93 2.65 -4.00
N ASP A 184 -11.16 3.73 -3.81
CA ASP A 184 -9.71 3.64 -3.67
C ASP A 184 -9.27 3.19 -2.29
N SER A 185 -10.10 3.42 -1.29
CA SER A 185 -9.76 3.02 0.07
C SER A 185 -9.32 1.57 0.10
N GLY A 186 -8.43 1.23 1.03
CA GLY A 186 -7.93 -0.12 1.14
C GLY A 186 -6.75 -0.34 0.23
N GLY A 187 -6.63 0.51 -0.79
CA GLY A 187 -5.54 0.39 -1.73
C GLY A 187 -4.14 0.56 -1.17
N PRO A 188 -3.11 0.41 -2.03
CA PRO A 188 -1.73 0.54 -1.59
C PRO A 188 -1.13 1.94 -1.60
N HIS A 189 -0.38 2.27 -0.53
CA HIS A 189 0.36 3.52 -0.46
C HIS A 189 1.79 2.98 -0.39
N VAL A 190 2.55 3.17 -1.45
CA VAL A 190 3.92 2.65 -1.47
C VAL A 190 4.95 3.74 -1.66
N THR A 191 6.14 3.51 -1.12
CA THR A 191 7.24 4.45 -1.21
C THR A 191 8.34 3.77 -2.01
N ARG A 192 9.09 4.54 -2.79
CA ARG A 192 10.13 3.95 -3.62
C ARG A 192 11.54 4.19 -3.10
N PHE A 193 12.35 3.13 -3.05
CA PHE A 193 13.74 3.24 -2.63
C PHE A 193 14.67 2.34 -3.48
N LYS A 194 15.30 2.96 -4.47
CA LYS A 194 16.20 2.25 -5.37
C LYS A 194 15.49 1.20 -6.20
N ASP A 195 14.41 1.60 -6.88
CA ASP A 195 13.68 0.68 -7.73
C ASP A 195 12.85 -0.38 -7.00
N THR A 196 12.97 -0.43 -5.67
CA THR A 196 12.21 -1.38 -4.88
C THR A 196 11.15 -0.60 -4.11
N TYR A 197 9.89 -1.07 -4.16
CA TYR A 197 8.79 -0.40 -3.48
C TYR A 197 8.45 -1.03 -2.14
N PHE A 198 8.00 -0.20 -1.19
CA PHE A 198 7.63 -0.67 0.14
C PHE A 198 6.23 -0.20 0.53
N VAL A 199 5.49 -1.08 1.18
CA VAL A 199 4.15 -0.73 1.63
C VAL A 199 4.36 0.28 2.76
N THR A 200 3.63 1.38 2.72
CA THR A 200 3.78 2.38 3.76
C THR A 200 2.43 2.80 4.31
N GLY A 201 1.39 2.67 3.51
CA GLY A 201 0.08 3.06 4.00
C GLY A 201 -1.09 2.38 3.33
N ILE A 202 -2.24 2.52 3.98
CA ILE A 202 -3.48 1.95 3.50
C ILE A 202 -4.47 3.07 3.23
N VAL A 203 -4.88 3.24 1.98
CA VAL A 203 -5.83 4.28 1.62
C VAL A 203 -7.00 4.21 2.60
N SER A 204 -7.04 5.17 3.54
CA SER A 204 -8.05 5.22 4.59
C SER A 204 -9.27 6.13 4.33
N TRP A 205 -9.06 7.45 4.41
CA TRP A 205 -10.17 8.37 4.18
C TRP A 205 -9.72 9.79 3.90
N GLY A 206 -10.72 10.65 3.73
CA GLY A 206 -10.50 12.06 3.45
C GLY A 206 -11.86 12.75 3.52
N GLU A 207 -11.87 14.08 3.51
CA GLU A 207 -13.13 14.82 3.55
C GLU A 207 -13.40 15.24 2.12
N GLY A 208 -13.94 14.30 1.35
CA GLY A 208 -14.20 14.56 -0.05
C GLY A 208 -13.00 14.06 -0.82
N CYS A 209 -12.79 14.59 -2.02
CA CYS A 209 -11.68 14.18 -2.86
C CYS A 209 -10.96 15.41 -3.41
N ALA A 210 -9.65 15.45 -3.21
CA ALA A 210 -8.80 16.54 -3.68
C ALA A 210 -9.30 17.94 -3.32
N ARG A 211 -10.03 18.06 -2.21
CA ARG A 211 -10.55 19.36 -1.75
C ARG A 211 -9.43 20.31 -1.36
N LYS A 212 -9.54 21.55 -1.81
CA LYS A 212 -8.56 22.58 -1.48
C LYS A 212 -8.55 22.71 0.04
N GLY A 213 -7.35 22.63 0.62
CA GLY A 213 -7.23 22.73 2.05
C GLY A 213 -7.22 21.39 2.77
N LYS A 214 -7.71 20.34 2.12
CA LYS A 214 -7.72 19.04 2.76
C LYS A 214 -6.70 18.07 2.15
N TYR A 215 -6.45 16.96 2.85
CA TYR A 215 -5.50 15.98 2.37
C TYR A 215 -6.07 14.56 2.41
N GLY A 216 -5.30 13.61 1.90
CA GLY A 216 -5.72 12.22 1.91
C GLY A 216 -5.21 11.58 3.18
N ILE A 217 -6.06 10.87 3.91
CA ILE A 217 -5.65 10.26 5.18
C ILE A 217 -5.34 8.77 5.00
N TYR A 218 -4.12 8.39 5.35
CA TYR A 218 -3.69 7.00 5.21
C TYR A 218 -3.31 6.30 6.51
N THR A 219 -3.69 5.03 6.63
CA THR A 219 -3.34 4.24 7.79
C THR A 219 -1.83 4.12 7.78
N LYS A 220 -1.20 4.34 8.93
CA LYS A 220 0.25 4.24 9.03
C LYS A 220 0.63 2.77 9.14
N VAL A 221 1.18 2.22 8.06
CA VAL A 221 1.58 0.81 8.05
C VAL A 221 2.68 0.49 9.06
N THR A 222 3.68 1.35 9.13
CA THR A 222 4.81 1.16 10.04
C THR A 222 4.37 1.01 11.49
N ALA A 223 3.12 1.35 11.77
CA ALA A 223 2.61 1.27 13.13
C ALA A 223 1.86 -0.02 13.41
N PHE A 224 1.85 -0.93 12.44
CA PHE A 224 1.14 -2.19 12.62
C PHE A 224 1.96 -3.38 12.14
N LEU A 225 3.19 -3.10 11.73
CA LEU A 225 4.09 -4.15 11.29
C LEU A 225 3.93 -5.43 12.10
N LYS A 226 4.42 -5.44 13.33
CA LYS A 226 4.33 -6.61 14.19
C LYS A 226 2.94 -7.21 14.21
N TRP A 227 1.93 -6.40 13.95
CA TRP A 227 0.57 -6.89 13.94
C TRP A 227 0.33 -7.67 12.64
N ILE A 228 0.93 -7.17 11.57
CA ILE A 228 0.80 -7.80 10.26
C ILE A 228 1.52 -9.14 10.24
N ASP A 229 2.70 -9.20 10.86
CA ASP A 229 3.42 -10.46 10.92
C ASP A 229 2.58 -11.47 11.67
N ARG A 230 2.06 -11.04 12.80
CA ARG A 230 1.23 -11.90 13.63
C ARG A 230 0.07 -12.39 12.78
N SER A 231 -0.52 -11.50 12.00
CA SER A 231 -1.63 -11.90 11.15
C SER A 231 -1.24 -12.90 10.05
N MET A 232 -0.03 -12.77 9.50
CA MET A 232 0.40 -13.69 8.46
C MET A 232 0.66 -15.08 9.04
N LYS A 233 0.67 -15.17 10.36
CA LYS A 233 0.83 -16.44 11.06
C LYS A 233 -0.59 -16.71 11.56
N THR A 234 -1.50 -15.84 11.11
CA THR A 234 -2.92 -15.86 11.46
C THR A 234 -3.19 -15.73 12.96
N ARG A 235 -4.05 -14.78 13.32
CA ARG A 235 -4.40 -14.54 14.72
C ARG A 235 -5.40 -13.40 14.84
N LYS B 44 29.99 3.90 9.00
CA LYS B 44 28.86 4.17 9.92
C LYS B 44 28.04 5.37 9.43
N LEU B 45 26.87 5.56 10.04
CA LEU B 45 25.97 6.66 9.72
C LEU B 45 24.96 6.28 8.63
N CYS B 46 23.96 5.50 9.00
CA CYS B 46 22.91 5.09 8.08
C CYS B 46 22.22 6.33 7.52
N SER B 47 22.59 7.51 8.03
CA SER B 47 21.99 8.78 7.58
C SER B 47 22.70 9.35 6.37
N LEU B 48 23.99 9.03 6.26
CA LEU B 48 24.83 9.49 5.15
C LEU B 48 24.12 9.30 3.82
N ASP B 49 24.03 8.04 3.40
CA ASP B 49 23.36 7.66 2.17
C ASP B 49 22.87 6.24 2.46
N ASN B 50 22.14 6.11 3.54
CA ASN B 50 21.61 4.83 3.95
C ASN B 50 22.71 3.82 4.25
N GLY B 51 23.90 4.32 4.58
CA GLY B 51 25.03 3.46 4.88
C GLY B 51 25.46 2.62 3.69
N ASP B 52 25.06 3.06 2.50
CA ASP B 52 25.38 2.36 1.24
C ASP B 52 24.64 1.03 1.08
N CYS B 53 23.62 0.79 1.89
CA CYS B 53 22.85 -0.44 1.78
C CYS B 53 21.87 -0.36 0.60
N ASP B 54 21.24 -1.49 0.28
CA ASP B 54 20.23 -1.51 -0.80
C ASP B 54 18.86 -1.29 -0.15
N GLN B 55 18.73 -1.76 1.08
CA GLN B 55 17.48 -1.62 1.78
C GLN B 55 17.63 -1.24 3.25
N PHE B 56 17.28 -2.17 4.14
CA PHE B 56 17.37 -1.91 5.57
C PHE B 56 18.80 -1.58 6.03
N CYS B 57 18.92 -0.60 6.92
CA CYS B 57 20.20 -0.18 7.47
C CYS B 57 20.13 -0.06 8.99
N HIS B 58 21.03 -0.76 9.66
CA HIS B 58 21.10 -0.77 11.12
C HIS B 58 22.47 -0.35 11.58
N GLU B 59 22.53 0.41 12.66
CA GLU B 59 23.79 0.89 13.19
C GLU B 59 24.33 0.08 14.35
N GLU B 60 23.83 -1.13 14.52
CA GLU B 60 24.28 -2.03 15.60
C GLU B 60 25.77 -1.77 15.80
N GLN B 61 26.20 -1.73 17.06
CA GLN B 61 27.60 -1.45 17.43
C GLN B 61 28.09 -0.15 16.81
N ASN B 62 29.38 -0.08 16.48
CA ASN B 62 29.93 1.14 15.89
C ASN B 62 29.74 1.23 14.37
N SER B 63 29.63 0.08 13.72
CA SER B 63 29.49 0.04 12.27
C SER B 63 28.06 0.02 11.73
N VAL B 64 27.98 -0.20 10.42
CA VAL B 64 26.72 -0.27 9.71
C VAL B 64 26.34 -1.75 9.58
N VAL B 65 25.05 -2.02 9.41
CA VAL B 65 24.59 -3.39 9.24
C VAL B 65 23.39 -3.39 8.30
N CYS B 66 23.62 -3.89 7.09
CA CYS B 66 22.57 -3.95 6.07
C CYS B 66 21.81 -5.28 6.11
N SER B 67 20.56 -5.23 5.66
CA SER B 67 19.71 -6.41 5.61
C SER B 67 18.67 -6.21 4.49
N CYS B 68 17.87 -7.24 4.21
CA CYS B 68 16.89 -7.12 3.13
C CYS B 68 15.52 -7.65 3.49
N ALA B 69 14.52 -7.29 2.68
CA ALA B 69 13.15 -7.74 2.91
C ALA B 69 13.07 -9.25 2.68
N ARG B 70 12.00 -9.89 3.14
CA ARG B 70 11.87 -11.33 2.94
C ARG B 70 11.88 -11.56 1.44
N GLY B 71 12.55 -12.62 1.01
CA GLY B 71 12.62 -12.92 -0.40
C GLY B 71 13.91 -12.44 -1.03
N TYR B 72 14.77 -11.83 -0.23
CA TYR B 72 16.06 -11.35 -0.72
C TYR B 72 17.16 -11.90 0.19
N THR B 73 18.38 -11.94 -0.33
CA THR B 73 19.51 -12.41 0.47
C THR B 73 20.59 -11.34 0.37
N LEU B 74 21.27 -11.08 1.48
CA LEU B 74 22.32 -10.07 1.48
C LEU B 74 23.50 -10.55 0.64
N ALA B 75 24.00 -9.67 -0.21
CA ALA B 75 25.12 -9.99 -1.07
C ALA B 75 26.42 -10.26 -0.31
N ASP B 76 27.47 -10.54 -1.06
CA ASP B 76 28.78 -10.83 -0.51
C ASP B 76 29.37 -9.60 0.14
N ASN B 77 29.08 -8.43 -0.43
CA ASN B 77 29.60 -7.18 0.11
C ASN B 77 28.81 -6.72 1.33
N GLY B 78 27.83 -7.52 1.74
CA GLY B 78 27.00 -7.19 2.88
C GLY B 78 26.21 -5.89 2.72
N LYS B 79 26.15 -5.40 1.48
CA LYS B 79 25.43 -4.17 1.20
C LYS B 79 24.28 -4.39 0.23
N ALA B 80 24.58 -4.95 -0.95
CA ALA B 80 23.55 -5.20 -1.96
C ALA B 80 22.56 -6.32 -1.59
N CYS B 81 21.34 -6.22 -2.08
CA CYS B 81 20.32 -7.24 -1.82
C CYS B 81 20.07 -8.03 -3.11
N ILE B 82 19.99 -9.34 -3.00
CA ILE B 82 19.79 -10.17 -4.18
C ILE B 82 18.54 -11.02 -4.12
N PRO B 83 17.69 -10.92 -5.17
CA PRO B 83 16.43 -11.66 -5.29
C PRO B 83 16.74 -13.15 -5.37
N THR B 84 15.92 -13.97 -4.72
CA THR B 84 16.13 -15.42 -4.73
C THR B 84 14.96 -16.09 -5.46
N GLY B 85 14.19 -15.29 -6.20
CA GLY B 85 13.04 -15.81 -6.92
C GLY B 85 12.70 -14.98 -8.14
N PRO B 86 11.80 -15.45 -9.00
CA PRO B 86 11.37 -14.77 -10.23
C PRO B 86 10.53 -13.50 -9.99
N TYR B 87 9.84 -13.46 -8.86
CA TYR B 87 9.00 -12.31 -8.54
C TYR B 87 9.21 -11.86 -7.09
N PRO B 88 10.31 -11.11 -6.86
CA PRO B 88 10.68 -10.59 -5.54
C PRO B 88 9.81 -9.36 -5.24
N CYS B 89 9.47 -9.19 -3.96
CA CYS B 89 8.63 -8.09 -3.55
C CYS B 89 9.18 -6.73 -3.97
N GLY B 90 8.27 -5.75 -4.05
CA GLY B 90 8.63 -4.39 -4.39
C GLY B 90 9.25 -4.13 -5.74
N LYS B 91 9.31 -5.14 -6.59
CA LYS B 91 9.91 -4.95 -7.90
C LYS B 91 8.86 -4.91 -9.00
N GLN B 92 8.91 -3.88 -9.84
CA GLN B 92 7.94 -3.79 -10.92
C GLN B 92 8.25 -4.84 -11.96
N THR B 93 7.22 -5.59 -12.36
CA THR B 93 7.37 -6.63 -13.37
C THR B 93 7.39 -6.01 -14.77
N LEU B 94 8.44 -5.27 -15.10
CA LEU B 94 8.55 -4.64 -16.40
C LEU B 94 9.19 -5.57 -17.42
CA CA C . -9.34 -7.01 -17.30
C1 XMK D . -16.95 9.86 5.70
C2 XMK D . -11.46 10.59 12.02
N3 XMK D . -14.49 10.88 9.48
C4 XMK D . -13.67 10.83 10.77
C5 XMK D . -12.20 10.62 10.76
C6 XMK D . -16.03 11.10 9.48
C7 XMK D . -14.30 10.99 12.12
C8 XMK D . -13.82 10.72 8.08
C9 XMK D . -16.17 10.55 6.90
C10 XMK D . -16.85 10.40 8.33
N11 XMK D . -12.10 10.75 13.25
C12 XMK D . -13.47 10.94 13.31
C13 XMK D . -14.67 10.08 6.92
C14 XMK D . -12.61 9.78 -0.54
C15 XMK D . -13.65 9.81 0.34
C16 XMK D . -10.69 8.26 0.50
S17 XMK D . -15.34 10.11 -0.13
C18 XMK D . -11.15 9.52 -0.15
CL19 XMK D . -6.61 8.84 1.00
O20 XMK D . -15.47 11.42 -0.92
C21 XMK D . -16.61 11.31 3.66
C22 XMK D . -16.03 11.38 2.22
N23 XMK D . -16.29 10.18 1.32
C24 XMK D . -10.13 10.54 -0.42
C25 XMK D . -16.94 8.83 3.47
C26 XMK D . -16.42 8.83 2.00
C27 XMK D . -9.30 8.06 0.86
N28 XMK D . -16.41 9.95 4.31
C29 XMK D . -8.72 10.34 -0.08
C30 XMK D . -8.29 9.09 0.58
O31 XMK D . -15.86 8.97 -1.00
#